data_2L7L
#
_entry.id   2L7L
#
loop_
_entity.id
_entity.type
_entity.pdbx_description
1 polymer Calmodulin
2 polymer 'Calcium/calmodulin-dependent protein kinase type 1'
3 non-polymer 'CALCIUM ION'
#
loop_
_entity_poly.entity_id
_entity_poly.type
_entity_poly.pdbx_seq_one_letter_code
_entity_poly.pdbx_strand_id
1 'polypeptide(L)'
;ADQLTEEQIAEFKEAFSLFDKDGDGTITTKELGTVMRSLGQNPTEAELQDMINEVDADGNGTIDFPEFLTMMARKMKDTD
SEEEIREAFRVFDKDGNGYISAAELRHVMTNLGEKLTDEEVDEMIREADIDGDGQVNYEEFVQMMTAK
;
A
2 'polypeptide(L)' AKSKWKQAFNATAVVRHMRKLQ B
#
loop_
_chem_comp.id
_chem_comp.type
_chem_comp.name
_chem_comp.formula
CA non-polymer 'CALCIUM ION' 'Ca 2'
#
# COMPACT_ATOMS: atom_id res chain seq x y z
N ALA A 1 -8.29 -13.56 8.33
CA ALA A 1 -8.34 -14.90 8.96
C ALA A 1 -9.06 -15.87 8.03
N ASP A 2 -9.93 -16.70 8.60
CA ASP A 2 -10.67 -17.67 7.81
C ASP A 2 -12.01 -17.09 7.36
N GLN A 3 -12.25 -15.82 7.71
CA GLN A 3 -13.49 -15.15 7.33
C GLN A 3 -13.23 -13.71 6.95
N LEU A 4 -13.00 -13.46 5.66
CA LEU A 4 -12.72 -12.10 5.18
C LEU A 4 -14.00 -11.48 4.62
N THR A 5 -14.24 -10.22 4.97
CA THR A 5 -15.41 -9.52 4.51
C THR A 5 -15.23 -9.05 3.07
N GLU A 6 -16.33 -8.73 2.39
CA GLU A 6 -16.28 -8.27 1.01
C GLU A 6 -15.66 -6.88 0.94
N GLU A 7 -15.56 -6.22 2.08
CA GLU A 7 -14.97 -4.88 2.12
C GLU A 7 -13.47 -4.94 1.95
N GLN A 8 -12.79 -5.72 2.78
CA GLN A 8 -11.35 -5.83 2.72
C GLN A 8 -10.92 -6.54 1.43
N ILE A 9 -11.74 -7.49 1.00
CA ILE A 9 -11.46 -8.25 -0.21
C ILE A 9 -11.48 -7.32 -1.41
N ALA A 10 -12.43 -6.38 -1.44
CA ALA A 10 -12.51 -5.44 -2.55
C ALA A 10 -11.33 -4.49 -2.55
N GLU A 11 -10.92 -4.03 -1.38
CA GLU A 11 -9.80 -3.10 -1.26
C GLU A 11 -8.55 -3.71 -1.89
N PHE A 12 -8.26 -4.96 -1.53
CA PHE A 12 -7.11 -5.67 -2.07
C PHE A 12 -7.33 -6.02 -3.53
N LYS A 13 -8.59 -6.15 -3.91
CA LYS A 13 -8.91 -6.49 -5.29
C LYS A 13 -8.36 -5.42 -6.23
N GLU A 14 -8.64 -4.16 -5.92
CA GLU A 14 -8.15 -3.06 -6.73
C GLU A 14 -6.63 -2.99 -6.62
N ALA A 15 -6.13 -3.02 -5.39
CA ALA A 15 -4.69 -2.97 -5.18
C ALA A 15 -4.01 -4.15 -5.88
N PHE A 16 -4.67 -5.30 -5.86
CA PHE A 16 -4.12 -6.49 -6.50
C PHE A 16 -3.83 -6.20 -7.96
N SER A 17 -4.78 -5.57 -8.63
CA SER A 17 -4.60 -5.23 -10.05
C SER A 17 -3.42 -4.28 -10.20
N LEU A 18 -3.29 -3.34 -9.27
CA LEU A 18 -2.19 -2.39 -9.30
C LEU A 18 -0.85 -3.11 -9.13
N PHE A 19 -0.89 -4.28 -8.51
CA PHE A 19 0.32 -5.06 -8.30
C PHE A 19 0.51 -6.07 -9.42
N ASP A 20 -0.59 -6.61 -9.93
CA ASP A 20 -0.52 -7.59 -11.00
C ASP A 20 -0.63 -6.89 -12.36
N LYS A 21 0.52 -6.48 -12.89
CA LYS A 21 0.54 -5.79 -14.17
C LYS A 21 0.04 -6.69 -15.30
N ASP A 22 0.46 -7.95 -15.27
CA ASP A 22 0.05 -8.90 -16.30
C ASP A 22 -1.36 -9.41 -16.04
N GLY A 23 -1.93 -9.03 -14.91
CA GLY A 23 -3.28 -9.45 -14.57
C GLY A 23 -3.45 -10.95 -14.76
N ASP A 24 -2.38 -11.70 -14.48
CA ASP A 24 -2.41 -13.15 -14.64
C ASP A 24 -3.19 -13.80 -13.50
N GLY A 25 -3.60 -12.98 -12.53
CA GLY A 25 -4.35 -13.49 -11.39
C GLY A 25 -3.42 -14.10 -10.36
N THR A 26 -2.12 -13.90 -10.54
CA THR A 26 -1.12 -14.43 -9.61
C THR A 26 0.03 -13.46 -9.45
N ILE A 27 0.58 -13.40 -8.24
CA ILE A 27 1.72 -12.51 -7.95
C ILE A 27 2.98 -13.32 -7.68
N THR A 28 4.06 -12.93 -8.34
CA THR A 28 5.34 -13.61 -8.17
C THR A 28 6.24 -12.83 -7.22
N THR A 29 7.33 -13.45 -6.80
CA THR A 29 8.26 -12.80 -5.89
C THR A 29 8.83 -11.52 -6.50
N LYS A 30 9.21 -11.60 -7.75
CA LYS A 30 9.77 -10.45 -8.44
C LYS A 30 8.75 -9.32 -8.51
N GLU A 31 7.49 -9.67 -8.72
CA GLU A 31 6.43 -8.67 -8.80
C GLU A 31 6.19 -8.01 -7.45
N LEU A 32 5.86 -8.82 -6.45
CA LEU A 32 5.60 -8.29 -5.11
C LEU A 32 6.80 -7.52 -4.61
N GLY A 33 7.98 -8.00 -4.93
CA GLY A 33 9.20 -7.33 -4.50
C GLY A 33 9.42 -6.04 -5.28
N THR A 34 9.25 -6.11 -6.60
CA THR A 34 9.45 -4.93 -7.44
C THR A 34 8.54 -3.79 -7.00
N VAL A 35 7.26 -4.08 -6.85
CA VAL A 35 6.31 -3.05 -6.44
C VAL A 35 6.62 -2.56 -5.03
N MET A 36 6.86 -3.50 -4.12
CA MET A 36 7.17 -3.12 -2.74
C MET A 36 8.42 -2.26 -2.70
N ARG A 37 9.50 -2.74 -3.31
CA ARG A 37 10.75 -2.00 -3.31
C ARG A 37 10.54 -0.62 -3.89
N SER A 38 9.63 -0.51 -4.85
CA SER A 38 9.33 0.77 -5.49
C SER A 38 8.83 1.78 -4.46
N LEU A 39 8.34 1.29 -3.33
CA LEU A 39 7.82 2.16 -2.29
C LEU A 39 8.95 2.96 -1.65
N GLY A 40 10.04 3.16 -2.39
CA GLY A 40 11.17 3.91 -1.87
C GLY A 40 11.95 3.09 -0.87
N GLN A 41 11.67 1.79 -0.82
CA GLN A 41 12.35 0.90 0.11
C GLN A 41 13.28 -0.04 -0.65
N ASN A 42 14.34 -0.48 0.01
CA ASN A 42 15.32 -1.38 -0.62
C ASN A 42 15.54 -2.64 0.22
N PRO A 43 14.48 -3.34 0.53
CA PRO A 43 14.55 -4.60 1.32
C PRO A 43 15.37 -5.66 0.59
N THR A 44 16.06 -6.49 1.36
CA THR A 44 16.89 -7.55 0.78
C THR A 44 16.03 -8.73 0.34
N GLU A 45 16.56 -9.54 -0.56
CA GLU A 45 15.84 -10.70 -1.05
C GLU A 45 15.36 -11.56 0.11
N ALA A 46 16.18 -11.66 1.14
CA ALA A 46 15.83 -12.45 2.31
C ALA A 46 14.57 -11.91 2.97
N GLU A 47 14.41 -10.59 2.92
CA GLU A 47 13.24 -9.95 3.51
C GLU A 47 11.99 -10.31 2.70
N LEU A 48 12.13 -10.34 1.38
CA LEU A 48 11.00 -10.67 0.52
C LEU A 48 10.66 -12.15 0.62
N GLN A 49 11.68 -13.00 0.49
CA GLN A 49 11.46 -14.44 0.58
C GLN A 49 10.71 -14.78 1.86
N ASP A 50 11.15 -14.21 2.97
CA ASP A 50 10.50 -14.46 4.25
C ASP A 50 9.08 -13.92 4.22
N MET A 51 8.90 -12.75 3.62
CA MET A 51 7.58 -12.15 3.52
C MET A 51 6.62 -13.08 2.80
N ILE A 52 7.08 -13.62 1.66
CA ILE A 52 6.23 -14.51 0.88
C ILE A 52 6.05 -15.85 1.59
N ASN A 53 7.17 -16.44 2.00
CA ASN A 53 7.13 -17.73 2.68
C ASN A 53 6.14 -17.70 3.83
N GLU A 54 6.00 -16.54 4.46
CA GLU A 54 5.08 -16.41 5.58
C GLU A 54 3.64 -16.61 5.13
N VAL A 55 3.28 -16.01 4.00
CA VAL A 55 1.92 -16.13 3.47
C VAL A 55 1.81 -17.35 2.55
N ASP A 56 2.95 -17.83 2.08
CA ASP A 56 2.96 -18.99 1.19
C ASP A 56 2.59 -20.23 1.99
N ALA A 57 1.30 -20.47 2.14
CA ALA A 57 0.82 -21.61 2.89
C ALA A 57 1.34 -22.92 2.29
N ASP A 58 1.63 -22.90 0.99
CA ASP A 58 2.13 -24.11 0.32
C ASP A 58 3.63 -24.04 0.09
N GLY A 59 4.22 -22.88 0.38
CA GLY A 59 5.65 -22.70 0.18
C GLY A 59 6.04 -22.99 -1.27
N ASN A 60 5.14 -22.68 -2.19
CA ASN A 60 5.41 -22.91 -3.61
C ASN A 60 6.35 -21.86 -4.17
N GLY A 61 6.65 -20.85 -3.36
CA GLY A 61 7.55 -19.78 -3.78
C GLY A 61 6.79 -18.69 -4.53
N THR A 62 5.47 -18.83 -4.60
CA THR A 62 4.64 -17.85 -5.29
C THR A 62 3.31 -17.69 -4.58
N ILE A 63 2.71 -16.50 -4.70
CA ILE A 63 1.42 -16.23 -4.05
C ILE A 63 0.35 -15.91 -5.08
N ASP A 64 -0.77 -16.62 -5.00
CA ASP A 64 -1.87 -16.40 -5.93
C ASP A 64 -2.79 -15.29 -5.42
N PHE A 65 -3.74 -14.87 -6.26
CA PHE A 65 -4.67 -13.81 -5.87
C PHE A 65 -5.20 -14.06 -4.45
N PRO A 66 -5.74 -15.23 -4.19
CA PRO A 66 -6.26 -15.57 -2.84
C PRO A 66 -5.22 -15.32 -1.74
N GLU A 67 -3.99 -15.77 -1.98
CA GLU A 67 -2.93 -15.61 -1.02
C GLU A 67 -2.65 -14.13 -0.77
N PHE A 68 -2.81 -13.33 -1.82
CA PHE A 68 -2.60 -11.90 -1.71
C PHE A 68 -3.54 -11.33 -0.65
N LEU A 69 -4.80 -11.74 -0.72
CA LEU A 69 -5.80 -11.26 0.23
C LEU A 69 -5.35 -11.61 1.65
N THR A 70 -4.65 -12.73 1.78
CA THR A 70 -4.16 -13.15 3.09
C THR A 70 -3.15 -12.15 3.63
N MET A 71 -2.17 -11.78 2.79
CA MET A 71 -1.13 -10.83 3.21
C MET A 71 -1.77 -9.52 3.69
N MET A 72 -2.64 -8.96 2.86
CA MET A 72 -3.30 -7.71 3.21
C MET A 72 -4.23 -7.91 4.38
N ALA A 73 -4.85 -9.08 4.47
CA ALA A 73 -5.77 -9.38 5.54
C ALA A 73 -5.03 -9.47 6.87
N ARG A 74 -3.81 -9.99 6.83
CA ARG A 74 -3.01 -10.13 8.04
C ARG A 74 -2.74 -8.77 8.66
N LYS A 75 -2.35 -7.81 7.83
CA LYS A 75 -2.09 -6.47 8.33
C LYS A 75 -3.38 -5.70 8.59
N MET A 76 -4.38 -5.96 7.76
CA MET A 76 -5.65 -5.28 7.90
C MET A 76 -6.27 -5.57 9.25
N LYS A 77 -6.02 -6.77 9.76
CA LYS A 77 -6.57 -7.15 11.04
C LYS A 77 -6.06 -6.25 12.16
N ASP A 78 -4.75 -6.05 12.20
CA ASP A 78 -4.13 -5.20 13.22
C ASP A 78 -3.88 -3.80 12.69
N THR A 79 -4.68 -3.40 11.71
CA THR A 79 -4.52 -2.08 11.12
C THR A 79 -4.27 -1.04 12.19
N ASP A 80 -3.00 -0.61 12.30
CA ASP A 80 -2.62 0.41 13.28
C ASP A 80 -2.50 1.77 12.61
N SER A 81 -3.65 2.38 12.30
CA SER A 81 -3.65 3.68 11.65
C SER A 81 -2.61 4.61 12.27
N GLU A 82 -2.28 4.33 13.53
CA GLU A 82 -1.30 5.15 14.24
C GLU A 82 0.08 5.02 13.61
N GLU A 83 0.69 3.85 13.77
CA GLU A 83 2.01 3.61 13.21
C GLU A 83 1.94 3.54 11.71
N GLU A 84 0.93 2.87 11.18
CA GLU A 84 0.77 2.73 9.75
C GLU A 84 0.92 4.07 9.05
N ILE A 85 0.13 5.04 9.47
CA ILE A 85 0.18 6.37 8.87
C ILE A 85 1.54 7.01 9.13
N ARG A 86 2.04 6.88 10.34
CA ARG A 86 3.33 7.49 10.68
C ARG A 86 4.42 7.05 9.70
N GLU A 87 4.57 5.74 9.53
CA GLU A 87 5.58 5.24 8.62
C GLU A 87 5.24 5.56 7.18
N ALA A 88 3.97 5.42 6.82
CA ALA A 88 3.54 5.71 5.46
C ALA A 88 3.73 7.18 5.13
N PHE A 89 3.33 8.05 6.05
CA PHE A 89 3.46 9.48 5.86
C PHE A 89 4.92 9.84 5.58
N ARG A 90 5.82 9.16 6.29
CA ARG A 90 7.25 9.41 6.09
C ARG A 90 7.70 8.98 4.70
N VAL A 91 7.17 7.86 4.22
CA VAL A 91 7.53 7.35 2.90
C VAL A 91 7.12 8.35 1.81
N PHE A 92 5.91 8.85 1.92
CA PHE A 92 5.40 9.82 0.95
C PHE A 92 6.10 11.16 1.13
N ASP A 93 6.42 11.49 2.38
CA ASP A 93 7.09 12.76 2.67
C ASP A 93 8.60 12.57 2.68
N LYS A 94 9.20 12.59 1.51
CA LYS A 94 10.64 12.40 1.39
C LYS A 94 11.39 13.52 2.11
N ASP A 95 10.94 14.75 1.93
CA ASP A 95 11.57 15.89 2.57
C ASP A 95 11.28 15.92 4.07
N GLY A 96 10.28 15.15 4.48
CA GLY A 96 9.90 15.10 5.88
C GLY A 96 9.44 16.47 6.37
N ASN A 97 8.85 17.25 5.47
CA ASN A 97 8.37 18.59 5.83
C ASN A 97 7.09 18.50 6.65
N GLY A 98 6.51 17.30 6.71
CA GLY A 98 5.28 17.10 7.47
C GLY A 98 4.06 17.24 6.59
N TYR A 99 4.27 17.65 5.34
CA TYR A 99 3.16 17.83 4.38
C TYR A 99 3.45 17.06 3.11
N ILE A 100 2.42 16.41 2.57
CA ILE A 100 2.58 15.64 1.33
C ILE A 100 2.09 16.43 0.13
N SER A 101 3.00 16.68 -0.81
CA SER A 101 2.67 17.43 -2.02
C SER A 101 2.28 16.47 -3.15
N ALA A 102 1.75 17.02 -4.23
CA ALA A 102 1.36 16.21 -5.38
C ALA A 102 2.57 15.57 -6.04
N ALA A 103 3.67 16.32 -6.12
CA ALA A 103 4.88 15.82 -6.74
C ALA A 103 5.35 14.54 -6.04
N GLU A 104 5.41 14.58 -4.72
CA GLU A 104 5.85 13.42 -3.97
C GLU A 104 4.86 12.27 -4.09
N LEU A 105 3.61 12.52 -3.68
CA LEU A 105 2.60 11.49 -3.75
C LEU A 105 2.56 10.85 -5.13
N ARG A 106 2.63 11.69 -6.16
CA ARG A 106 2.61 11.19 -7.52
C ARG A 106 3.83 10.34 -7.81
N HIS A 107 4.98 10.72 -7.22
CA HIS A 107 6.21 9.97 -7.42
C HIS A 107 6.11 8.55 -6.86
N VAL A 108 5.70 8.45 -5.61
CA VAL A 108 5.57 7.15 -4.97
C VAL A 108 4.51 6.31 -5.67
N MET A 109 3.42 6.95 -6.08
CA MET A 109 2.35 6.25 -6.77
C MET A 109 2.84 5.69 -8.09
N THR A 110 3.66 6.48 -8.79
CA THR A 110 4.21 6.06 -10.08
C THR A 110 5.17 4.89 -9.88
N ASN A 111 5.84 4.87 -8.72
CA ASN A 111 6.79 3.80 -8.42
C ASN A 111 6.09 2.45 -8.40
N LEU A 112 4.86 2.44 -7.91
CA LEU A 112 4.10 1.20 -7.83
C LEU A 112 3.64 0.75 -9.22
N GLY A 113 4.02 1.53 -10.22
CA GLY A 113 3.66 1.21 -11.60
C GLY A 113 2.28 1.75 -11.94
N GLU A 114 1.73 2.56 -11.03
CA GLU A 114 0.41 3.15 -11.26
C GLU A 114 0.54 4.45 -12.05
N LYS A 115 -0.22 4.54 -13.14
CA LYS A 115 -0.18 5.73 -13.98
C LYS A 115 -1.27 6.71 -13.60
N LEU A 116 -0.92 7.68 -12.74
CA LEU A 116 -1.88 8.68 -12.29
C LEU A 116 -1.54 10.02 -12.92
N THR A 117 -2.59 10.76 -13.28
CA THR A 117 -2.42 12.07 -13.90
C THR A 117 -2.45 13.17 -12.85
N ASP A 118 -2.09 14.38 -13.27
CA ASP A 118 -2.07 15.52 -12.35
C ASP A 118 -3.47 15.76 -11.80
N GLU A 119 -4.48 15.54 -12.62
CA GLU A 119 -5.85 15.74 -12.18
C GLU A 119 -6.23 14.72 -11.11
N GLU A 120 -5.82 13.47 -11.30
CA GLU A 120 -6.11 12.42 -10.34
C GLU A 120 -5.38 12.68 -9.02
N VAL A 121 -4.14 13.13 -9.12
CA VAL A 121 -3.34 13.41 -7.94
C VAL A 121 -3.95 14.58 -7.16
N ASP A 122 -4.36 15.62 -7.89
CA ASP A 122 -4.96 16.79 -7.26
C ASP A 122 -6.23 16.40 -6.51
N GLU A 123 -7.05 15.56 -7.14
CA GLU A 123 -8.29 15.11 -6.52
C GLU A 123 -7.99 14.31 -5.26
N MET A 124 -6.96 13.46 -5.33
CA MET A 124 -6.59 12.65 -4.18
C MET A 124 -6.22 13.53 -3.00
N ILE A 125 -5.39 14.54 -3.26
CA ILE A 125 -4.97 15.46 -2.20
C ILE A 125 -6.13 16.36 -1.77
N ARG A 126 -6.84 16.91 -2.75
CA ARG A 126 -7.96 17.80 -2.45
C ARG A 126 -9.02 17.06 -1.66
N GLU A 127 -9.33 15.84 -2.10
CA GLU A 127 -10.34 15.03 -1.42
C GLU A 127 -9.86 14.61 -0.04
N ALA A 128 -8.54 14.53 0.12
CA ALA A 128 -7.96 14.14 1.41
C ALA A 128 -7.62 15.36 2.24
N ASP A 129 -7.45 16.50 1.58
CA ASP A 129 -7.12 17.75 2.28
C ASP A 129 -8.39 18.47 2.71
N ILE A 130 -8.65 18.46 4.01
CA ILE A 130 -9.85 19.11 4.53
C ILE A 130 -9.75 20.63 4.35
N ASP A 131 -8.56 21.18 4.61
CA ASP A 131 -8.36 22.62 4.49
C ASP A 131 -8.25 23.02 3.03
N GLY A 132 -7.80 22.10 2.18
CA GLY A 132 -7.64 22.38 0.76
C GLY A 132 -6.43 23.25 0.49
N ASP A 133 -5.38 23.07 1.29
CA ASP A 133 -4.16 23.85 1.14
C ASP A 133 -3.29 23.28 0.01
N GLY A 134 -3.82 22.26 -0.67
CA GLY A 134 -3.08 21.64 -1.77
C GLY A 134 -2.09 20.62 -1.25
N GLN A 135 -2.21 20.27 0.03
CA GLN A 135 -1.31 19.29 0.64
C GLN A 135 -2.05 18.49 1.70
N VAL A 136 -1.48 17.35 2.07
CA VAL A 136 -2.09 16.47 3.07
C VAL A 136 -1.19 16.34 4.29
N ASN A 137 -1.73 16.70 5.46
CA ASN A 137 -0.98 16.62 6.71
C ASN A 137 -1.26 15.30 7.41
N TYR A 138 -0.58 15.08 8.54
CA TYR A 138 -0.77 13.85 9.30
C TYR A 138 -2.23 13.73 9.76
N GLU A 139 -2.76 14.80 10.34
CA GLU A 139 -4.13 14.80 10.81
C GLU A 139 -5.09 14.53 9.66
N GLU A 140 -4.82 15.14 8.52
CA GLU A 140 -5.66 14.95 7.34
C GLU A 140 -5.53 13.52 6.83
N PHE A 141 -4.33 12.96 6.97
CA PHE A 141 -4.09 11.59 6.50
C PHE A 141 -5.03 10.62 7.21
N VAL A 142 -5.06 10.68 8.54
CA VAL A 142 -5.92 9.80 9.31
C VAL A 142 -7.38 10.10 9.02
N GLN A 143 -7.69 11.37 8.81
CA GLN A 143 -9.05 11.78 8.52
C GLN A 143 -9.49 11.23 7.17
N MET A 144 -8.56 11.18 6.24
CA MET A 144 -8.87 10.68 4.90
C MET A 144 -8.99 9.17 4.91
N MET A 145 -8.33 8.53 5.88
CA MET A 145 -8.34 7.08 5.97
C MET A 145 -9.76 6.58 6.29
N THR A 146 -10.65 7.50 6.59
CA THR A 146 -12.02 7.16 6.91
C THR A 146 -12.55 6.13 5.91
N ALA A 147 -13.04 5.00 6.44
CA ALA A 147 -13.57 3.94 5.58
C ALA A 147 -14.91 4.35 4.98
N LYS A 148 -15.30 5.60 5.22
CA LYS A 148 -16.58 6.10 4.69
C LYS A 148 -16.47 7.60 4.40
N ALA B 1 -11.12 7.18 -5.52
CA ALA B 1 -10.10 8.04 -4.87
C ALA B 1 -9.65 7.39 -3.56
N LYS B 2 -10.62 7.01 -2.73
CA LYS B 2 -10.31 6.40 -1.45
C LYS B 2 -9.57 5.08 -1.67
N SER B 3 -9.92 4.38 -2.74
CA SER B 3 -9.27 3.11 -3.04
C SER B 3 -7.76 3.30 -3.19
N LYS B 4 -7.38 4.37 -3.89
CA LYS B 4 -5.97 4.66 -4.11
C LYS B 4 -5.26 4.87 -2.78
N TRP B 5 -5.91 5.57 -1.87
CA TRP B 5 -5.33 5.81 -0.55
C TRP B 5 -5.03 4.50 0.15
N LYS B 6 -6.00 3.58 0.12
CA LYS B 6 -5.82 2.29 0.76
C LYS B 6 -4.64 1.54 0.15
N GLN B 7 -4.52 1.63 -1.17
CA GLN B 7 -3.43 0.96 -1.87
C GLN B 7 -2.08 1.35 -1.30
N ALA B 8 -1.69 2.60 -1.52
CA ALA B 8 -0.41 3.08 -1.03
C ALA B 8 -0.32 2.96 0.49
N PHE B 9 -1.41 3.29 1.16
CA PHE B 9 -1.44 3.22 2.61
C PHE B 9 -1.17 1.80 3.11
N ASN B 10 -1.95 0.84 2.59
CA ASN B 10 -1.81 -0.55 2.98
C ASN B 10 -0.46 -1.10 2.55
N ALA B 11 -0.03 -0.72 1.34
CA ALA B 11 1.25 -1.20 0.82
C ALA B 11 2.40 -0.90 1.79
N THR B 12 2.46 0.34 2.25
CA THR B 12 3.51 0.72 3.17
C THR B 12 3.31 0.10 4.54
N ALA B 13 2.06 0.03 4.98
CA ALA B 13 1.74 -0.54 6.28
C ALA B 13 2.06 -2.04 6.35
N VAL B 14 1.59 -2.78 5.35
CA VAL B 14 1.83 -4.21 5.33
C VAL B 14 3.31 -4.52 5.18
N VAL B 15 4.02 -3.69 4.41
CA VAL B 15 5.43 -3.92 4.21
C VAL B 15 6.19 -3.86 5.52
N ARG B 16 5.92 -2.82 6.30
CA ARG B 16 6.60 -2.67 7.57
C ARG B 16 6.17 -3.75 8.56
N HIS B 17 4.93 -4.17 8.46
CA HIS B 17 4.40 -5.17 9.37
C HIS B 17 4.87 -6.57 9.01
N MET B 18 4.64 -6.96 7.77
CA MET B 18 5.03 -8.29 7.34
C MET B 18 6.54 -8.49 7.44
N ARG B 19 7.30 -7.47 7.06
CA ARG B 19 8.74 -7.57 7.13
C ARG B 19 9.21 -7.62 8.59
N LYS B 20 8.52 -6.88 9.43
CA LYS B 20 8.89 -6.83 10.84
C LYS B 20 8.76 -8.19 11.50
N LEU B 21 7.67 -8.88 11.17
CA LEU B 21 7.41 -10.19 11.75
C LEU B 21 8.58 -11.13 11.46
N GLN B 22 9.33 -10.83 10.42
CA GLN B 22 10.47 -11.66 10.05
C GLN B 22 11.60 -11.51 11.05
CA CA C . 1.44 -11.23 -12.18
CA CA D . 1.79 -20.13 -2.14
CA CA E . 6.87 16.61 1.62
CA CA F . -3.38 20.17 4.43
#